data_9L2S
#
_entry.id   9L2S
#
_cell.length_a   1.00
_cell.length_b   1.00
_cell.length_c   1.00
_cell.angle_alpha   90.00
_cell.angle_beta   90.00
_cell.angle_gamma   90.00
#
_symmetry.space_group_name_H-M   'P 1'
#
_entity_poly.entity_id   1
_entity_poly.type   'polypeptide(L)'
_entity_poly.pdbx_seq_one_letter_code
;MAKTKGTASGRGGLGGQGAGGDVIEVGGAGQGGYGGLGSQGTSGRGGLGGQGAGGDVIEVGGAGQGGYGGLGSQGTSGRG
GLGGQGAGGDVIEVGGAGQGGYGGLGSQGTSGRGGLGGQGAGGDVIEVGGAGQGGYGGLGSQGTSGRGGLGGQGAGGDVI
EVGGAGQGGYGGLGSQGTSGRGGLGGQGAGGDVIEVGGAGQGGYGGLGSQGTSGRGGLGGQGAGGDVIEVGGAGQGGYGG
LGSQGTSGRGGLGGQGAGGDVIEVGGAGQGGYGGLGSQGTSGRGGLGGQGAGGDVIEVGGAGQGGYGGLGSQGTSGRGGL
GGQGAGGDVIEVGGAGQGGYGGLGSQGTSGRGGLGGQGAGGDVIEVGGAGQGGYGGLGSQGTSGRGGLGGQGAGGDVIEV
GGAGQGGYGGLGSQGTSGRGGLGGQGAGGDVIEVGGAGQGGYGGLGSQGTSGRGGLGGQGAGGDVIEVGGAGQGGYGGLG
SQGTSGRGGLGGQGAGGDVIEVGGAGQGGYGGLGSQGTSGRGGLGGQGAGGDVIEVGGAGQGGYGGLGSQGTSSGHHHHH
HHHHH
;
_entity_poly.pdbx_strand_id   D,G,A,E,H,B,F,I,C
#
# COMPACT_ATOMS: atom_id res chain seq x y z
N GLN A 31 -5.57 -14.03 5.12
CA GLN A 31 -5.35 -15.23 5.91
C GLN A 31 -4.57 -16.25 5.09
N GLY A 32 -4.51 -17.49 5.56
CA GLY A 32 -3.83 -18.53 4.84
C GLY A 32 -2.33 -18.31 4.72
N GLY A 33 -1.71 -19.19 3.94
CA GLY A 33 -0.27 -19.20 3.86
C GLY A 33 0.28 -18.02 3.08
N TYR A 34 1.59 -17.85 3.16
CA TYR A 34 2.30 -16.81 2.45
C TYR A 34 3.53 -17.37 1.76
N GLY A 35 4.11 -16.52 0.91
CA GLY A 35 5.40 -16.77 0.31
C GLY A 35 6.39 -15.68 0.68
N GLY A 36 7.52 -15.71 -0.01
CA GLY A 36 8.58 -14.77 0.26
C GLY A 36 8.15 -13.34 0.01
N LEU A 37 8.99 -12.44 0.49
CA LEU A 37 8.84 -11.01 0.30
C LEU A 37 10.23 -10.40 0.28
N GLY A 38 10.32 -9.11 0.52
CA GLY A 38 11.61 -8.51 0.79
C GLY A 38 12.38 -8.10 -0.43
N SER A 39 12.87 -6.86 -0.42
CA SER A 39 13.63 -6.33 -1.53
C SER A 39 14.96 -7.04 -1.63
N GLN A 40 15.77 -6.63 -2.59
CA GLN A 40 17.04 -7.29 -2.85
C GLN A 40 18.09 -6.21 -3.08
N GLY A 41 19.29 -6.62 -3.47
CA GLY A 41 20.32 -5.64 -3.74
C GLY A 41 21.59 -6.17 -4.37
N THR A 42 22.02 -5.52 -5.45
CA THR A 42 23.39 -5.55 -5.98
C THR A 42 23.89 -6.97 -6.30
N SER A 43 23.00 -7.95 -6.16
CA SER A 43 23.37 -9.35 -6.27
C SER A 43 24.08 -9.69 -7.58
N GLY B 15 28.66 3.33 -5.28
CA GLY B 15 27.23 3.13 -5.46
C GLY B 15 26.60 2.32 -4.35
N GLY B 16 25.78 2.98 -3.54
CA GLY B 16 25.25 2.39 -2.33
C GLY B 16 23.73 2.32 -2.36
N GLN B 17 23.19 1.38 -1.63
CA GLN B 17 21.80 1.02 -1.72
C GLN B 17 21.00 1.58 -0.56
N GLY B 18 19.76 1.16 -0.50
CA GLY B 18 18.89 1.39 0.62
C GLY B 18 17.81 0.36 0.51
N ALA B 19 16.67 0.67 1.08
CA ALA B 19 15.50 -0.17 0.91
C ALA B 19 14.32 0.54 1.54
N GLY B 20 13.15 -0.07 1.41
CA GLY B 20 11.95 0.37 2.08
C GLY B 20 11.51 -0.66 3.09
N GLY B 21 10.30 -0.47 3.59
N GLY B 21 10.30 -0.47 3.59
CA GLY B 21 9.79 -1.36 4.61
CA GLY B 21 9.79 -1.36 4.61
C GLY B 21 8.44 -1.98 4.33
C GLY B 21 8.44 -1.98 4.33
N ASP B 22 8.43 -3.30 4.13
CA ASP B 22 7.19 -3.99 3.79
C ASP B 22 6.19 -3.89 4.92
N VAL B 23 4.93 -4.16 4.59
CA VAL B 23 3.85 -4.11 5.55
C VAL B 23 2.88 -5.22 5.21
N ILE B 24 2.43 -5.94 6.23
CA ILE B 24 1.46 -7.02 6.06
C ILE B 24 0.48 -6.92 7.21
N GLU B 25 -0.80 -6.79 6.89
CA GLU B 25 -1.84 -6.77 7.92
C GLU B 25 -2.93 -7.75 7.51
N VAL B 26 -2.89 -8.93 8.13
CA VAL B 26 -3.85 -10.00 7.83
C VAL B 26 -5.01 -9.82 8.81
N GLY B 27 -6.01 -9.08 8.39
CA GLY B 27 -7.15 -8.86 9.27
C GLY B 27 -8.17 -7.99 8.58
N GLY B 28 -9.39 -8.05 9.11
CA GLY B 28 -10.50 -7.31 8.54
C GLY B 28 -10.56 -5.91 9.11
N ALA B 29 -10.78 -4.94 8.23
CA ALA B 29 -10.89 -3.56 8.65
C ALA B 29 -12.13 -3.34 9.49
N GLY B 30 -12.31 -2.12 9.95
CA GLY B 30 -13.30 -1.85 10.96
C GLY B 30 -14.71 -1.81 10.40
N GLN B 31 -15.65 -2.29 11.19
CA GLN B 31 -17.07 -2.18 10.92
C GLN B 31 -17.70 -1.21 11.90
N GLY B 32 -19.00 -0.99 11.77
CA GLY B 32 -19.70 -0.02 12.58
C GLY B 32 -20.80 -0.66 13.40
N GLY B 33 -21.33 0.12 14.33
CA GLY B 33 -22.40 -0.37 15.16
C GLY B 33 -23.48 0.66 15.37
N TYR B 34 -23.25 1.85 14.86
CA TYR B 34 -24.15 2.98 15.11
C TYR B 34 -25.58 2.65 14.69
N GLY C 15 27.12 7.70 -5.98
CA GLY C 15 25.87 8.13 -5.38
C GLY C 15 24.95 6.97 -5.10
N GLY C 16 23.70 7.27 -4.80
CA GLY C 16 22.69 6.26 -4.52
C GLY C 16 21.87 6.65 -3.32
N GLN C 17 20.70 6.03 -3.21
CA GLN C 17 19.79 6.33 -2.12
C GLN C 17 18.67 5.31 -2.10
N GLY C 18 18.26 4.91 -0.92
CA GLY C 18 17.08 4.08 -0.76
C GLY C 18 15.85 4.89 -0.99
N ALA C 19 14.74 4.41 -0.45
CA ALA C 19 13.47 5.08 -0.69
C ALA C 19 12.41 4.55 0.24
N GLY C 20 11.28 5.25 0.23
CA GLY C 20 10.30 5.19 1.29
C GLY C 20 9.71 3.83 1.55
N GLY C 21 8.81 3.78 2.53
N GLY C 21 8.81 3.78 2.53
CA GLY C 21 8.17 2.54 2.90
CA GLY C 21 8.17 2.54 2.90
C GLY C 21 6.66 2.70 2.93
C GLY C 21 6.66 2.70 2.93
N ASP C 22 5.98 1.60 3.13
CA ASP C 22 4.55 1.56 2.89
C ASP C 22 3.76 2.23 3.99
N VAL C 23 2.46 2.28 3.76
CA VAL C 23 1.50 2.80 4.71
C VAL C 23 0.26 1.94 4.60
N ILE C 24 -0.47 1.83 5.70
CA ILE C 24 -1.82 1.27 5.69
C ILE C 24 -2.64 2.09 6.66
N GLU C 25 -3.90 2.29 6.35
CA GLU C 25 -4.85 2.78 7.32
C GLU C 25 -6.05 1.86 7.31
N VAL C 26 -6.69 1.77 8.48
CA VAL C 26 -7.74 0.79 8.73
C VAL C 26 -8.67 1.42 9.76
N GLY C 27 -9.79 0.75 10.04
CA GLY C 27 -10.58 1.03 11.22
C GLY C 27 -11.60 2.12 11.05
N GLY C 28 -12.76 1.95 11.66
CA GLY C 28 -13.77 2.99 11.67
C GLY C 28 -15.07 2.49 12.24
N ALA C 29 -15.70 3.26 13.10
CA ALA C 29 -16.92 2.83 13.79
C ALA C 29 -17.52 4.03 14.50
N GLY C 30 -18.48 3.76 15.37
CA GLY C 30 -19.04 4.77 16.25
C GLY C 30 -19.48 5.99 15.50
N GLN C 31 -19.35 7.14 16.12
CA GLN C 31 -19.66 8.38 15.45
C GLN C 31 -18.55 8.73 14.47
N GLY C 32 -18.65 9.90 13.84
CA GLY C 32 -17.67 10.27 12.84
C GLY C 32 -17.59 11.76 12.65
N GLY C 33 -16.69 12.16 11.75
CA GLY C 33 -16.43 13.55 11.47
C GLY C 33 -14.96 13.88 11.44
N TYR C 34 -14.51 14.55 10.37
CA TYR C 34 -13.13 14.97 10.16
C TYR C 34 -12.15 13.81 10.19
N GLY C 35 -12.64 12.57 10.11
CA GLY C 35 -11.79 11.40 10.14
C GLY C 35 -11.41 10.91 8.77
N GLY C 36 -10.25 11.34 8.32
CA GLY C 36 -9.79 11.09 6.97
C GLY C 36 -8.35 11.54 6.84
N LEU C 37 -7.74 11.12 5.75
CA LEU C 37 -6.29 11.09 5.66
C LEU C 37 -5.72 12.27 4.88
N GLY C 38 -4.43 12.15 4.60
CA GLY C 38 -3.66 13.09 3.81
C GLY C 38 -2.24 12.58 3.87
N SER C 39 -1.53 12.57 2.75
CA SER C 39 -0.18 12.02 2.77
C SER C 39 0.62 12.67 1.65
N GLN C 40 1.94 12.70 1.84
CA GLN C 40 2.85 13.28 0.84
C GLN C 40 4.12 12.42 0.86
N GLY C 41 4.20 11.46 -0.04
CA GLY C 41 5.28 10.50 -0.04
C GLY C 41 6.67 11.09 -0.27
N THR C 42 7.66 10.22 -0.35
CA THR C 42 9.04 10.62 -0.58
C THR C 42 9.19 11.60 -1.73
N GLN D 31 -7.49 -14.24 0.91
CA GLN D 31 -7.26 -15.44 1.70
C GLN D 31 -6.47 -16.45 0.87
N GLY D 32 -6.42 -17.70 1.35
CA GLY D 32 -5.74 -18.74 0.63
C GLY D 32 -4.24 -18.52 0.51
N GLY D 33 -3.62 -19.40 -0.27
CA GLY D 33 -2.18 -19.41 -0.36
C GLY D 33 -1.63 -18.23 -1.13
N TYR D 34 -0.31 -18.06 -1.05
CA TYR D 34 0.39 -17.02 -1.77
C TYR D 34 1.63 -17.57 -2.45
N GLY D 35 2.20 -16.73 -3.30
CA GLY D 35 3.48 -16.97 -3.89
C GLY D 35 4.47 -15.88 -3.53
N GLY D 36 5.61 -15.91 -4.22
CA GLY D 36 6.67 -14.98 -3.95
C GLY D 36 6.25 -13.54 -4.20
N LEU D 37 7.08 -12.64 -3.73
CA LEU D 37 6.92 -11.21 -3.92
C LEU D 37 8.31 -10.61 -3.94
N GLY D 38 8.40 -9.32 -3.70
CA GLY D 38 9.69 -8.71 -3.41
C GLY D 38 10.47 -8.31 -4.64
N SER D 39 10.96 -7.08 -4.63
CA SER D 39 11.71 -6.54 -5.75
C SER D 39 13.05 -7.25 -5.84
N GLN D 40 13.86 -6.83 -6.81
CA GLN D 40 15.14 -7.50 -7.07
C GLN D 40 16.19 -6.42 -7.29
N GLY D 41 17.38 -6.83 -7.68
CA GLY D 41 18.41 -5.85 -7.95
C GLY D 41 19.68 -6.38 -8.58
N THR D 42 20.12 -5.72 -9.66
CA THR D 42 21.48 -5.75 -10.19
C THR D 42 21.97 -7.17 -10.51
N SER D 43 21.09 -8.16 -10.37
CA SER D 43 21.46 -9.56 -10.48
C SER D 43 22.17 -9.89 -11.79
N GLY E 15 26.50 4.16 -9.60
CA GLY E 15 25.13 3.78 -9.82
C GLY E 15 24.54 2.99 -8.66
N GLY E 16 23.68 3.63 -7.90
CA GLY E 16 23.18 3.08 -6.66
C GLY E 16 21.67 2.93 -6.66
N GLN E 17 21.20 1.82 -6.12
CA GLN E 17 19.80 1.46 -6.20
C GLN E 17 19.02 2.04 -5.04
N GLY E 18 17.78 1.60 -4.93
CA GLY E 18 16.92 1.90 -3.82
C GLY E 18 15.82 0.89 -3.92
N ALA E 19 14.70 1.20 -3.30
CA ALA E 19 13.51 0.37 -3.46
C ALA E 19 12.38 1.00 -2.70
N GLY E 20 11.17 0.56 -3.00
CA GLY E 20 10.01 0.84 -2.22
C GLY E 20 9.70 -0.33 -1.33
N GLY E 21 8.45 -0.40 -0.90
N GLY E 21 8.45 -0.40 -0.90
CA GLY E 21 8.01 -1.51 -0.05
CA GLY E 21 8.01 -1.51 -0.05
C GLY E 21 6.67 -2.05 -0.50
C GLY E 21 6.67 -2.05 -0.50
N ASP E 22 6.45 -3.33 -0.22
CA ASP E 22 5.28 -4.06 -0.71
C ASP E 22 4.24 -4.19 0.39
N VAL E 23 3.00 -3.91 0.08
CA VAL E 23 1.92 -4.03 1.04
C VAL E 23 1.12 -5.27 0.71
N ILE E 24 0.53 -5.88 1.74
CA ILE E 24 -0.44 -6.95 1.57
C ILE E 24 -1.54 -6.72 2.57
N GLU E 25 -2.78 -6.85 2.12
CA GLU E 25 -3.93 -6.60 2.99
C GLU E 25 -4.99 -7.65 2.68
N VAL E 26 -5.07 -8.67 3.52
CA VAL E 26 -6.05 -9.72 3.29
C VAL E 26 -7.14 -9.62 4.33
N GLY E 27 -8.22 -8.92 4.02
CA GLY E 27 -9.28 -8.79 4.99
C GLY E 27 -10.44 -7.99 4.42
N GLY E 28 -11.59 -8.16 5.06
CA GLY E 28 -12.78 -7.46 4.63
C GLY E 28 -12.68 -5.99 4.95
N ALA E 29 -12.92 -5.14 3.96
CA ALA E 29 -12.94 -3.71 4.15
C ALA E 29 -14.13 -3.32 5.02
N GLY E 30 -14.24 -2.02 5.28
CA GLY E 30 -15.21 -1.56 6.25
C GLY E 30 -16.63 -1.76 5.77
N GLN E 31 -17.45 -2.37 6.62
CA GLN E 31 -18.89 -2.41 6.40
C GLN E 31 -19.54 -1.43 7.38
N GLY E 32 -20.86 -1.25 7.25
CA GLY E 32 -21.57 -0.27 8.04
C GLY E 32 -22.63 -0.93 8.90
N GLY E 33 -23.17 -0.15 9.82
CA GLY E 33 -24.21 -0.67 10.68
C GLY E 33 -25.32 0.30 10.91
N TYR E 34 -25.18 1.52 10.39
CA TYR E 34 -26.10 2.60 10.67
C TYR E 34 -27.54 2.21 10.33
N GLY F 15 25.10 8.44 -10.36
CA GLY F 15 23.87 8.84 -9.73
C GLY F 15 22.96 7.66 -9.44
N GLY F 16 21.72 7.94 -9.11
CA GLY F 16 20.74 6.91 -8.82
C GLY F 16 19.85 7.32 -7.67
N GLN F 17 18.71 6.65 -7.56
CA GLN F 17 17.74 6.91 -6.51
C GLN F 17 16.65 5.87 -6.57
N GLY F 18 16.12 5.52 -5.40
CA GLY F 18 14.97 4.67 -5.32
C GLY F 18 13.71 5.50 -5.43
N ALA F 19 12.58 4.84 -5.16
CA ALA F 19 11.32 5.54 -5.24
C ALA F 19 10.32 4.95 -4.27
N GLY F 20 9.20 5.64 -4.16
CA GLY F 20 8.28 5.52 -3.06
C GLY F 20 7.70 4.15 -2.84
N GLY F 21 6.83 4.03 -1.84
N GLY F 21 6.83 4.03 -1.84
CA GLY F 21 6.22 2.78 -1.51
CA GLY F 21 6.22 2.78 -1.51
C GLY F 21 4.71 2.92 -1.48
C GLY F 21 4.71 2.92 -1.48
N ASP F 22 4.04 1.79 -1.36
CA ASP F 22 2.61 1.74 -1.60
C ASP F 22 1.82 2.39 -0.49
N VAL F 23 0.52 2.42 -0.69
CA VAL F 23 -0.43 2.94 0.27
C VAL F 23 -1.68 2.09 0.13
N ILE F 24 -2.37 1.88 1.23
CA ILE F 24 -3.73 1.36 1.20
C ILE F 24 -4.54 2.14 2.22
N GLU F 25 -5.79 2.40 1.89
CA GLU F 25 -6.74 2.86 2.89
C GLU F 25 -7.93 1.92 2.84
N VAL F 26 -8.43 1.57 4.00
CA VAL F 26 -9.54 0.65 4.13
C VAL F 26 -10.47 1.21 5.19
N GLY F 27 -11.49 0.45 5.54
CA GLY F 27 -12.30 0.76 6.70
C GLY F 27 -13.28 1.88 6.47
N GLY F 28 -14.46 1.78 7.07
CA GLY F 28 -15.44 2.83 6.99
C GLY F 28 -16.76 2.35 7.55
N ALA F 29 -17.44 3.16 8.33
CA ALA F 29 -18.61 2.66 9.06
C ALA F 29 -19.28 3.82 9.79
N GLY F 30 -20.25 3.46 10.63
CA GLY F 30 -20.85 4.39 11.57
C GLY F 30 -21.36 5.62 10.88
N GLN F 31 -21.27 6.75 11.57
CA GLN F 31 -21.63 8.00 10.93
C GLN F 31 -20.50 8.43 9.98
N GLY F 32 -20.66 9.59 9.35
CA GLY F 32 -19.72 10.02 8.35
C GLY F 32 -19.66 11.52 8.23
N GLY F 33 -18.77 11.98 7.35
CA GLY F 33 -18.53 13.39 7.14
C GLY F 33 -17.06 13.74 7.09
N TYR F 34 -16.64 14.42 6.02
CA TYR F 34 -15.26 14.83 5.80
C TYR F 34 -14.27 13.68 5.85
N GLY F 35 -14.77 12.46 5.73
CA GLY F 35 -13.93 11.27 5.74
C GLY F 35 -13.53 10.81 4.37
N GLY F 36 -12.35 11.24 3.94
CA GLY F 36 -11.89 10.98 2.59
C GLY F 36 -10.47 11.49 2.46
N LEU F 37 -9.82 11.03 1.42
CA LEU F 37 -8.38 11.06 1.34
C LEU F 37 -7.84 12.27 0.59
N GLY F 38 -6.55 12.19 0.29
CA GLY F 38 -5.80 13.15 -0.50
C GLY F 38 -4.38 12.66 -0.46
N SER F 39 -3.66 12.70 -1.57
CA SER F 39 -2.30 12.17 -1.55
C SER F 39 -1.50 12.83 -2.65
N GLN F 40 -0.18 12.85 -2.48
CA GLN F 40 0.72 13.44 -3.46
C GLN F 40 2.00 12.61 -3.44
N GLY F 41 2.12 11.66 -4.36
CA GLY F 41 3.22 10.73 -4.36
C GLY F 41 4.59 11.35 -4.58
N THR F 42 5.60 10.50 -4.72
CA THR F 42 6.97 10.94 -4.96
C THR F 42 7.08 11.93 -6.09
N GLN G 31 -9.42 -14.57 -3.62
CA GLN G 31 -9.20 -15.77 -2.84
C GLN G 31 -8.42 -16.78 -3.66
N GLY G 32 -8.36 -18.02 -3.18
CA GLY G 32 -7.69 -19.07 -3.92
C GLY G 32 -6.19 -18.85 -4.03
N GLY G 33 -5.56 -19.72 -4.80
CA GLY G 33 -4.12 -19.73 -4.90
C GLY G 33 -3.57 -18.55 -5.67
N TYR G 34 -2.26 -18.39 -5.58
CA TYR G 34 -1.55 -17.34 -6.31
C TYR G 34 -0.32 -17.90 -7.00
N GLY G 35 0.26 -17.05 -7.84
CA GLY G 35 1.55 -17.30 -8.43
C GLY G 35 2.53 -16.21 -8.08
N GLY G 36 3.67 -16.24 -8.76
CA GLY G 36 4.72 -15.30 -8.48
C GLY G 36 4.30 -13.87 -8.74
N LEU G 37 5.13 -12.96 -8.26
CA LEU G 37 4.97 -11.54 -8.45
C LEU G 37 6.38 -10.93 -8.48
N GLY G 38 6.47 -9.64 -8.24
CA GLY G 38 7.74 -9.04 -7.96
C GLY G 38 8.53 -8.63 -9.18
N SER G 39 9.01 -7.40 -9.17
CA SER G 39 9.77 -6.87 -10.29
C SER G 39 11.11 -7.58 -10.39
N GLN G 40 11.92 -7.16 -11.34
CA GLN G 40 13.19 -7.82 -11.61
C GLN G 40 14.24 -6.74 -11.82
N GLY G 41 15.44 -7.14 -12.21
CA GLY G 41 16.47 -6.17 -12.49
C GLY G 41 17.74 -6.70 -13.13
N THR G 42 18.18 -6.05 -14.20
CA THR G 42 19.53 -6.08 -14.74
C THR G 42 20.02 -7.50 -15.05
N SER G 43 19.14 -8.48 -14.92
CA SER G 43 19.52 -9.89 -15.02
C SER G 43 20.22 -10.21 -16.33
N GLY H 15 24.49 4.93 -13.91
CA GLY H 15 23.09 4.64 -14.12
C GLY H 15 22.49 3.78 -13.02
N GLY H 16 21.57 4.37 -12.25
CA GLY H 16 21.08 3.72 -11.07
C GLY H 16 19.59 3.53 -11.03
N GLN H 17 19.17 2.33 -10.66
CA GLN H 17 17.75 1.97 -10.70
C GLN H 17 17.04 2.54 -9.48
N GLY H 18 15.80 2.13 -9.34
CA GLY H 18 15.00 2.43 -8.18
C GLY H 18 13.92 1.41 -8.30
N ALA H 19 12.78 1.69 -7.70
CA ALA H 19 11.62 0.83 -7.89
C ALA H 19 10.46 1.44 -7.14
N GLY H 20 9.27 0.94 -7.42
CA GLY H 20 8.10 1.20 -6.63
C GLY H 20 7.81 0.04 -5.74
N GLY H 21 6.55 -0.08 -5.34
N GLY H 21 6.55 -0.08 -5.34
CA GLY H 21 6.12 -1.18 -4.49
CA GLY H 21 6.12 -1.18 -4.49
C GLY H 21 4.82 -1.79 -4.99
C GLY H 21 4.82 -1.79 -4.99
N ASP H 22 4.65 -3.07 -4.71
CA ASP H 22 3.53 -3.85 -5.23
C ASP H 22 2.47 -4.05 -4.16
N VAL H 23 1.32 -3.46 -4.36
CA VAL H 23 0.22 -3.64 -3.43
C VAL H 23 -0.45 -4.97 -3.73
N ILE H 24 -1.14 -5.52 -2.73
CA ILE H 24 -2.04 -6.65 -2.92
C ILE H 24 -3.16 -6.51 -1.92
N GLU H 25 -4.37 -6.75 -2.36
CA GLU H 25 -5.51 -6.84 -1.46
C GLU H 25 -6.38 -7.98 -1.90
N VAL H 26 -6.78 -8.82 -0.96
CA VAL H 26 -7.69 -9.94 -1.23
C VAL H 26 -8.80 -9.83 -0.20
N GLY H 27 -9.87 -9.12 -0.55
CA GLY H 27 -10.91 -8.97 0.43
C GLY H 27 -12.10 -8.18 -0.07
N GLY H 28 -13.26 -8.42 0.51
CA GLY H 28 -14.45 -7.71 0.10
C GLY H 28 -14.33 -6.23 0.41
N ALA H 29 -14.47 -5.40 -0.60
CA ALA H 29 -14.48 -3.96 -0.41
C ALA H 29 -15.68 -3.54 0.41
N GLY H 30 -15.80 -2.24 0.69
CA GLY H 30 -16.81 -1.80 1.61
C GLY H 30 -18.21 -2.20 1.17
N GLN H 31 -19.11 -2.29 2.14
CA GLN H 31 -20.52 -2.50 1.90
C GLN H 31 -21.32 -1.60 2.80
N GLY H 32 -22.48 -1.21 2.35
CA GLY H 32 -23.32 -0.33 3.14
C GLY H 32 -24.15 -1.10 4.12
N GLY H 33 -24.73 -0.36 5.05
CA GLY H 33 -25.63 -1.00 6.00
C GLY H 33 -26.84 -0.15 6.30
N TYR H 34 -26.86 1.07 5.77
CA TYR H 34 -27.87 2.05 6.14
C TYR H 34 -29.29 1.53 5.90
N GLY I 15 22.91 9.24 -14.71
CA GLY I 15 21.65 9.61 -14.10
C GLY I 15 20.80 8.41 -13.77
N GLY I 16 19.57 8.65 -13.38
CA GLY I 16 18.65 7.59 -13.03
C GLY I 16 17.68 8.03 -11.97
N GLN I 17 16.63 7.24 -11.81
CA GLN I 17 15.58 7.49 -10.83
C GLN I 17 14.62 6.32 -10.86
N GLY I 18 13.71 6.30 -9.89
CA GLY I 18 12.66 5.31 -9.83
C GLY I 18 11.32 6.01 -9.84
N ALA I 19 10.28 5.19 -9.80
CA ALA I 19 8.92 5.68 -9.95
C ALA I 19 8.08 5.27 -8.75
N GLY I 20 6.98 6.00 -8.58
CA GLY I 20 6.12 5.89 -7.42
C GLY I 20 5.60 4.50 -7.23
N GLY I 21 4.79 4.30 -6.21
N GLY I 21 4.79 4.30 -6.21
CA GLY I 21 4.32 2.98 -5.83
CA GLY I 21 4.32 2.98 -5.83
C GLY I 21 2.82 2.87 -5.99
C GLY I 21 2.82 2.87 -5.99
N ASP I 22 2.37 1.67 -6.33
CA ASP I 22 0.97 1.44 -6.60
C ASP I 22 0.14 1.88 -5.40
N VAL I 23 -1.08 2.31 -5.64
CA VAL I 23 -1.93 2.86 -4.59
C VAL I 23 -3.28 2.18 -4.68
N ILE I 24 -3.89 1.92 -3.53
CA ILE I 24 -5.25 1.37 -3.49
C ILE I 24 -6.02 2.06 -2.39
N GLU I 25 -7.28 2.34 -2.66
CA GLU I 25 -8.23 2.74 -1.63
C GLU I 25 -9.43 1.82 -1.70
N VAL I 26 -10.01 1.54 -0.55
CA VAL I 26 -11.12 0.61 -0.46
C VAL I 26 -12.08 1.17 0.57
N GLY I 27 -13.13 0.44 0.89
CA GLY I 27 -13.92 0.71 2.08
C GLY I 27 -14.98 1.77 1.89
N GLY I 28 -16.12 1.59 2.54
CA GLY I 28 -17.18 2.58 2.47
C GLY I 28 -18.48 2.05 3.03
N ALA I 29 -19.20 2.87 3.79
CA ALA I 29 -20.35 2.38 4.52
C ALA I 29 -21.10 3.48 5.27
N GLY I 30 -22.09 3.06 6.05
CA GLY I 30 -22.77 3.90 7.02
C GLY I 30 -23.33 5.15 6.37
N GLN I 31 -23.28 6.25 7.11
CA GLN I 31 -23.66 7.52 6.52
C GLN I 31 -22.53 8.01 5.61
N GLY I 32 -22.72 9.17 5.00
CA GLY I 32 -21.76 9.65 4.02
C GLY I 32 -21.76 11.16 3.90
N GLY I 33 -20.86 11.64 3.04
CA GLY I 33 -20.67 13.07 2.83
C GLY I 33 -19.21 13.46 2.77
N TYR I 34 -18.83 14.15 1.70
CA TYR I 34 -17.47 14.62 1.47
C TYR I 34 -16.45 13.49 1.48
N GLY I 35 -16.91 12.25 1.31
CA GLY I 35 -16.04 11.09 1.30
C GLY I 35 -15.61 10.68 -0.09
N GLY I 36 -14.43 11.12 -0.48
CA GLY I 36 -13.94 10.90 -1.83
C GLY I 36 -12.51 11.36 -1.95
N LEU I 37 -11.85 10.83 -2.95
CA LEU I 37 -10.39 10.85 -3.02
C LEU I 37 -9.88 12.09 -3.75
N GLY I 38 -8.61 12.02 -4.10
CA GLY I 38 -7.89 13.04 -4.85
C GLY I 38 -6.44 12.60 -4.82
N SER I 39 -5.72 12.70 -5.92
CA SER I 39 -4.35 12.21 -5.92
C SER I 39 -3.56 12.93 -6.99
N GLN I 40 -2.25 12.97 -6.82
CA GLN I 40 -1.35 13.58 -7.79
C GLN I 40 -0.07 12.77 -7.77
N GLY I 41 0.07 11.85 -8.73
CA GLY I 41 1.18 10.93 -8.74
C GLY I 41 2.52 11.61 -8.93
N THR I 42 3.54 10.77 -9.10
CA THR I 42 4.91 11.22 -9.32
C THR I 42 5.00 12.25 -10.44
#